data_4PUQ
#
_entry.id   4PUQ
#
_cell.length_a   54.828
_cell.length_b   69.258
_cell.length_c   167.107
_cell.angle_alpha   90.000
_cell.angle_beta   90.000
_cell.angle_gamma   90.000
#
_symmetry.space_group_name_H-M   'P 21 21 21'
#
loop_
_entity.id
_entity.type
_entity.pdbx_description
1 polymer 'Tyrosyl-DNA phosphodiesterase 2'
2 polymer 'DNA/RNA hybrid'
3 non-polymer 'MAGNESIUM ION'
4 non-polymer GLYCEROL
5 non-polymer 'ACETATE ION'
6 water water
#
loop_
_entity_poly.entity_id
_entity_poly.type
_entity_poly.pdbx_seq_one_letter_code
_entity_poly.pdbx_strand_id
1 'polypeptide(L)'
;SNGLEDSSTISFITWNIDGLDGCNLPERARGVCSCLALYSPDVVFLQEVIPPYCAYLKKRAASYTIITGNEEGYFTAILL
KKGRVKFKSQEIIPFPNTKMMRNLLCVNVSLGGNEFCLMTSHLESTREHSAERIRQLKTVLGKMQEAPDSTTVIFAGDTN
LRDQEVIKCGGLPDNVFDAWEFLGKPKHCQYTWDTKANNNLRIPAAYKHRFDRIFFRAEEGHLIPQSLDLVGLEKLDCGR
FPSDHWGLLCTLNVVL
;
A,B
2 'polydeoxyribonucleotide/polyribonucleotide hybrid' C(DC)(DG)(DA)(DA)(DT)(DT)(DC)(DG) C,D
#
# COMPACT_ATOMS: atom_id res chain seq x y z
N SER A 1 -34.00 -34.01 -1.91
CA SER A 1 -34.20 -33.77 -0.49
C SER A 1 -33.05 -34.35 0.35
N ASN A 2 -32.97 -33.90 1.59
CA ASN A 2 -31.91 -34.32 2.52
C ASN A 2 -32.28 -35.61 3.24
N GLY A 3 -31.83 -36.73 2.68
CA GLY A 3 -32.14 -38.03 3.23
C GLY A 3 -31.11 -38.49 4.25
N LEU A 4 -31.31 -39.70 4.75
CA LEU A 4 -30.39 -40.31 5.71
C LEU A 4 -28.94 -40.23 5.22
N GLU A 5 -28.68 -40.69 3.99
CA GLU A 5 -27.29 -40.73 3.49
C GLU A 5 -26.60 -39.39 3.53
N ASP A 6 -27.35 -38.30 3.31
CA ASP A 6 -26.76 -36.96 3.27
C ASP A 6 -26.71 -36.27 4.62
N SER A 7 -27.00 -37.00 5.69
CA SER A 7 -27.16 -36.38 7.01
C SER A 7 -25.86 -35.98 7.71
N SER A 8 -24.72 -36.44 7.22
CA SER A 8 -23.45 -36.09 7.88
C SER A 8 -22.85 -34.81 7.31
N THR A 9 -23.60 -34.17 6.42
CA THR A 9 -23.08 -33.05 5.64
CA THR A 9 -23.07 -33.03 5.66
C THR A 9 -23.69 -31.72 6.08
N ILE A 10 -22.95 -30.65 5.87
CA ILE A 10 -23.50 -29.32 5.92
C ILE A 10 -23.23 -28.76 4.52
N SER A 11 -24.23 -28.15 3.93
CA SER A 11 -24.03 -27.42 2.69
C SER A 11 -24.39 -25.99 2.93
N PHE A 12 -23.66 -25.10 2.28
CA PHE A 12 -23.95 -23.70 2.38
C PHE A 12 -23.55 -22.92 1.15
N ILE A 13 -24.15 -21.74 1.04
CA ILE A 13 -23.71 -20.76 0.06
C ILE A 13 -23.26 -19.51 0.81
N THR A 14 -22.19 -18.88 0.34
CA THR A 14 -21.84 -17.54 0.80
C THR A 14 -21.82 -16.65 -0.41
N TRP A 15 -22.37 -15.44 -0.27
CA TRP A 15 -22.58 -14.58 -1.42
C TRP A 15 -22.79 -13.12 -0.98
N ASN A 16 -21.95 -12.24 -1.48
CA ASN A 16 -22.19 -10.81 -1.42
C ASN A 16 -23.14 -10.49 -2.56
N ILE A 17 -24.37 -10.12 -2.22
CA ILE A 17 -25.44 -10.01 -3.20
C ILE A 17 -25.70 -8.58 -3.65
N ASP A 18 -24.80 -7.67 -3.24
CA ASP A 18 -24.77 -6.32 -3.80
C ASP A 18 -26.08 -5.57 -3.67
N GLY A 19 -26.62 -5.55 -2.46
CA GLY A 19 -27.83 -4.77 -2.16
C GLY A 19 -27.62 -3.28 -2.26
N LEU A 20 -26.37 -2.83 -2.28
CA LEU A 20 -26.06 -1.40 -2.49
C LEU A 20 -26.32 -0.97 -3.92
N ASP A 21 -26.45 -1.93 -4.82
CA ASP A 21 -26.87 -1.61 -6.18
C ASP A 21 -28.38 -1.72 -6.22
N GLY A 22 -29.06 -0.56 -6.23
CA GLY A 22 -30.51 -0.57 -6.25
C GLY A 22 -31.10 -0.95 -7.61
N CYS A 23 -30.30 -0.89 -8.66
CA CYS A 23 -30.82 -1.13 -9.99
CA CYS A 23 -30.76 -1.17 -10.03
C CYS A 23 -31.13 -2.61 -10.22
N ASN A 24 -32.36 -2.86 -10.66
CA ASN A 24 -32.84 -4.23 -10.90
C ASN A 24 -32.80 -5.08 -9.65
N LEU A 25 -32.84 -4.46 -8.46
CA LEU A 25 -32.59 -5.26 -7.26
C LEU A 25 -33.64 -6.36 -6.99
N PRO A 26 -34.95 -6.08 -7.20
CA PRO A 26 -35.94 -7.13 -6.95
C PRO A 26 -35.74 -8.34 -7.86
N GLU A 27 -35.46 -8.12 -9.13
CA GLU A 27 -35.26 -9.22 -10.06
C GLU A 27 -33.98 -9.97 -9.67
N ARG A 28 -32.97 -9.22 -9.24
CA ARG A 28 -31.70 -9.84 -8.85
C ARG A 28 -31.85 -10.68 -7.58
N ALA A 29 -32.67 -10.21 -6.63
CA ALA A 29 -33.00 -10.98 -5.44
C ALA A 29 -33.72 -12.27 -5.82
N ARG A 30 -34.61 -12.19 -6.79
CA ARG A 30 -35.31 -13.38 -7.28
CA ARG A 30 -35.31 -13.38 -7.27
C ARG A 30 -34.31 -14.37 -7.87
N GLY A 31 -33.29 -13.86 -8.53
CA GLY A 31 -32.22 -14.69 -9.08
C GLY A 31 -31.44 -15.40 -7.99
N VAL A 32 -31.14 -14.70 -6.90
CA VAL A 32 -30.46 -15.33 -5.76
C VAL A 32 -31.36 -16.44 -5.20
N CYS A 33 -32.64 -16.12 -5.04
CA CYS A 33 -33.59 -17.08 -4.47
C CYS A 33 -33.76 -18.30 -5.35
N SER A 34 -33.71 -18.12 -6.66
CA SER A 34 -33.76 -19.26 -7.57
C SER A 34 -32.58 -20.20 -7.34
N CYS A 35 -31.42 -19.63 -7.09
CA CYS A 35 -30.23 -20.43 -6.80
CA CYS A 35 -30.23 -20.43 -6.80
C CYS A 35 -30.40 -21.19 -5.49
N LEU A 36 -30.89 -20.51 -4.46
CA LEU A 36 -31.15 -21.18 -3.18
C LEU A 36 -32.14 -22.31 -3.35
N ALA A 37 -33.15 -22.12 -4.18
CA ALA A 37 -34.14 -23.20 -4.40
C ALA A 37 -33.50 -24.39 -5.11
N LEU A 38 -32.57 -24.13 -6.01
CA LEU A 38 -31.96 -25.18 -6.80
C LEU A 38 -31.12 -26.10 -5.90
N TYR A 39 -30.37 -25.52 -4.97
CA TYR A 39 -29.41 -26.29 -4.17
C TYR A 39 -29.89 -26.60 -2.75
N SER A 40 -30.87 -25.86 -2.28
CA SER A 40 -31.43 -26.06 -0.94
C SER A 40 -30.34 -26.16 0.15
N PRO A 41 -29.48 -25.15 0.24
CA PRO A 41 -28.40 -25.24 1.24
C PRO A 41 -28.95 -25.19 2.64
N ASP A 42 -28.25 -25.82 3.58
CA ASP A 42 -28.61 -25.75 4.99
C ASP A 42 -28.47 -24.33 5.55
N VAL A 43 -27.46 -23.61 5.09
CA VAL A 43 -27.15 -22.28 5.59
C VAL A 43 -26.78 -21.39 4.41
N VAL A 44 -27.15 -20.12 4.51
CA VAL A 44 -26.70 -19.11 3.54
C VAL A 44 -26.11 -17.92 4.29
N PHE A 45 -24.89 -17.55 3.90
CA PHE A 45 -24.18 -16.40 4.45
C PHE A 45 -24.25 -15.29 3.39
N LEU A 46 -24.88 -14.17 3.72
CA LEU A 46 -25.03 -13.08 2.78
C LEU A 46 -24.35 -11.82 3.26
N GLN A 47 -23.84 -11.07 2.29
CA GLN A 47 -23.30 -9.75 2.57
C GLN A 47 -23.97 -8.70 1.68
N GLU A 48 -23.95 -7.46 2.14
CA GLU A 48 -24.62 -6.32 1.47
C GLU A 48 -26.15 -6.49 1.36
N VAL A 49 -26.75 -7.07 2.39
CA VAL A 49 -28.20 -7.10 2.52
C VAL A 49 -28.68 -5.73 2.96
N ILE A 50 -29.82 -5.30 2.46
CA ILE A 50 -30.47 -4.08 2.91
C ILE A 50 -31.89 -4.44 3.33
N PRO A 51 -32.56 -3.52 4.05
CA PRO A 51 -33.86 -3.91 4.60
C PRO A 51 -34.90 -4.40 3.56
N PRO A 52 -35.07 -3.72 2.42
CA PRO A 52 -36.04 -4.30 1.46
C PRO A 52 -35.63 -5.66 0.92
N TYR A 53 -34.33 -5.97 0.90
CA TYR A 53 -33.85 -7.27 0.44
C TYR A 53 -34.30 -8.37 1.42
N CYS A 54 -34.29 -8.06 2.70
CA CYS A 54 -34.85 -8.99 3.69
C CYS A 54 -36.29 -9.37 3.36
N ALA A 55 -37.10 -8.40 2.97
CA ALA A 55 -38.48 -8.69 2.54
C ALA A 55 -38.51 -9.56 1.28
N TYR A 56 -37.60 -9.37 0.34
CA TYR A 56 -37.55 -10.22 -0.87
C TYR A 56 -37.23 -11.65 -0.44
N LEU A 57 -36.34 -11.80 0.55
CA LEU A 57 -35.95 -13.12 1.04
C LEU A 57 -37.07 -13.80 1.80
N LYS A 58 -37.85 -13.03 2.53
CA LYS A 58 -39.01 -13.60 3.21
C LYS A 58 -40.07 -14.10 2.23
N LYS A 59 -40.13 -13.48 1.06
CA LYS A 59 -41.11 -13.86 0.06
C LYS A 59 -40.69 -15.08 -0.76
N ARG A 60 -39.45 -15.08 -1.23
CA ARG A 60 -39.02 -16.09 -2.19
CA ARG A 60 -39.00 -16.08 -2.19
C ARG A 60 -38.02 -17.07 -1.58
N ALA A 61 -37.68 -16.88 -0.30
CA ALA A 61 -36.87 -17.86 0.42
C ALA A 61 -37.43 -18.10 1.84
N ALA A 62 -38.73 -18.40 1.88
CA ALA A 62 -39.46 -18.43 3.14
C ALA A 62 -39.08 -19.58 4.06
N SER A 63 -38.36 -20.57 3.55
CA SER A 63 -37.97 -21.71 4.39
C SER A 63 -36.73 -21.42 5.23
N TYR A 64 -36.21 -20.19 5.15
CA TYR A 64 -35.03 -19.77 5.92
C TYR A 64 -35.35 -18.76 7.03
N THR A 65 -34.86 -19.05 8.22
CA THR A 65 -34.86 -18.06 9.28
C THR A 65 -33.73 -17.10 8.99
N ILE A 66 -34.00 -15.79 9.08
CA ILE A 66 -32.99 -14.78 8.77
C ILE A 66 -32.47 -14.12 10.04
N ILE A 67 -31.14 -14.14 10.22
CA ILE A 67 -30.49 -13.46 11.31
CA ILE A 67 -30.49 -13.45 11.31
C ILE A 67 -29.60 -12.38 10.69
N THR A 68 -29.74 -11.12 11.12
CA THR A 68 -29.03 -10.00 10.46
C THR A 68 -27.95 -9.38 11.33
N GLY A 69 -26.99 -8.73 10.68
CA GLY A 69 -25.88 -8.06 11.35
C GLY A 69 -26.15 -6.61 11.76
N ASN A 70 -27.28 -6.06 11.29
CA ASN A 70 -27.71 -4.72 11.68
C ASN A 70 -29.14 -4.54 11.20
N GLU A 71 -29.75 -3.41 11.55
CA GLU A 71 -31.16 -3.14 11.28
CA GLU A 71 -31.17 -3.16 11.26
C GLU A 71 -31.34 -2.18 10.10
N GLU A 72 -30.36 -1.33 9.89
CA GLU A 72 -30.45 -0.27 8.89
CA GLU A 72 -30.46 -0.30 8.85
C GLU A 72 -29.16 -0.21 8.08
N GLY A 73 -29.18 0.54 6.97
CA GLY A 73 -28.01 0.61 6.11
C GLY A 73 -27.86 -0.66 5.31
N TYR A 74 -26.65 -1.20 5.32
CA TYR A 74 -26.40 -2.50 4.69
C TYR A 74 -25.62 -3.34 5.66
N PHE A 75 -25.83 -4.65 5.58
CA PHE A 75 -25.35 -5.54 6.62
C PHE A 75 -25.30 -6.96 6.11
N THR A 76 -24.74 -7.84 6.94
CA THR A 76 -24.67 -9.24 6.59
C THR A 76 -25.90 -9.95 7.15
N ALA A 77 -26.08 -11.19 6.73
CA ALA A 77 -27.12 -12.03 7.28
C ALA A 77 -26.70 -13.47 7.19
N ILE A 78 -27.25 -14.25 8.11
CA ILE A 78 -27.13 -15.69 8.08
C ILE A 78 -28.53 -16.28 8.04
N LEU A 79 -28.76 -17.12 7.02
CA LEU A 79 -30.03 -17.78 6.82
C LEU A 79 -29.93 -19.24 7.20
N LEU A 80 -30.92 -19.72 7.95
CA LEU A 80 -30.92 -21.07 8.49
C LEU A 80 -32.15 -21.83 8.01
N LYS A 81 -31.91 -22.98 7.37
CA LYS A 81 -33.00 -23.78 6.86
C LYS A 81 -33.87 -24.33 7.99
N LYS A 82 -35.12 -23.91 7.99
CA LYS A 82 -36.08 -24.34 8.99
CA LYS A 82 -36.09 -24.34 8.98
C LYS A 82 -36.25 -25.86 8.94
N GLY A 83 -36.33 -26.48 10.10
CA GLY A 83 -36.50 -27.91 10.16
C GLY A 83 -35.20 -28.70 10.09
N ARG A 84 -34.11 -28.05 9.68
CA ARG A 84 -32.80 -28.69 9.64
C ARG A 84 -31.85 -28.12 10.68
N VAL A 85 -31.89 -26.82 10.83
CA VAL A 85 -30.97 -26.10 11.68
C VAL A 85 -31.74 -25.59 12.87
N LYS A 86 -31.21 -25.85 14.06
CA LYS A 86 -31.79 -25.34 15.30
C LYS A 86 -30.95 -24.18 15.80
N PHE A 87 -31.59 -23.02 15.92
CA PHE A 87 -30.91 -21.79 16.30
C PHE A 87 -30.77 -21.71 17.82
N LYS A 88 -29.56 -21.42 18.29
CA LYS A 88 -29.27 -21.38 19.73
C LYS A 88 -28.98 -19.96 20.23
N SER A 89 -28.21 -19.18 19.47
CA SER A 89 -27.98 -17.79 19.84
C SER A 89 -27.30 -17.03 18.71
N GLN A 90 -27.36 -15.69 18.80
CA GLN A 90 -26.73 -14.77 17.86
CA GLN A 90 -26.62 -14.87 17.86
C GLN A 90 -25.70 -13.94 18.63
N GLU A 91 -24.49 -13.80 18.09
CA GLU A 91 -23.50 -12.91 18.68
CA GLU A 91 -23.49 -12.90 18.68
C GLU A 91 -23.04 -11.92 17.62
N ILE A 92 -22.81 -10.68 18.04
CA ILE A 92 -22.24 -9.69 17.14
C ILE A 92 -21.03 -9.08 17.80
N ILE A 93 -19.92 -9.10 17.08
CA ILE A 93 -18.66 -8.55 17.56
C ILE A 93 -18.36 -7.30 16.74
N PRO A 94 -18.11 -6.18 17.41
CA PRO A 94 -17.85 -4.95 16.66
C PRO A 94 -16.44 -4.90 16.06
N PHE A 95 -16.30 -4.11 15.00
CA PHE A 95 -15.01 -3.70 14.46
C PHE A 95 -14.88 -2.22 14.82
N PRO A 96 -14.19 -1.89 15.91
CA PRO A 96 -14.28 -0.52 16.43
C PRO A 96 -13.80 0.57 15.49
N ASN A 97 -12.95 0.23 14.52
CA ASN A 97 -12.37 1.23 13.65
C ASN A 97 -12.92 1.19 12.23
N THR A 98 -13.97 0.40 12.00
CA THR A 98 -14.56 0.37 10.65
C THR A 98 -15.10 1.74 10.28
N LYS A 99 -15.00 2.06 8.99
CA LYS A 99 -15.58 3.27 8.45
C LYS A 99 -16.74 2.90 7.53
N MET A 100 -17.10 1.63 7.51
CA MET A 100 -18.10 1.11 6.59
C MET A 100 -19.14 0.24 7.32
N MET A 101 -19.30 0.46 8.62
CA MET A 101 -20.31 -0.23 9.44
C MET A 101 -20.17 -1.75 9.43
N ARG A 102 -18.96 -2.23 9.23
CA ARG A 102 -18.72 -3.67 9.15
C ARG A 102 -18.60 -4.25 10.56
N ASN A 103 -18.85 -5.54 10.66
CA ASN A 103 -18.82 -6.25 11.94
C ASN A 103 -18.73 -7.74 11.73
N LEU A 104 -18.74 -8.49 12.83
CA LEU A 104 -18.66 -9.95 12.77
C LEU A 104 -19.91 -10.53 13.37
N LEU A 105 -20.68 -11.23 12.54
CA LEU A 105 -21.94 -11.85 12.94
C LEU A 105 -21.73 -13.33 13.13
N CYS A 106 -22.14 -13.85 14.29
CA CYS A 106 -21.97 -15.27 14.59
C CYS A 106 -23.31 -15.85 15.02
N VAL A 107 -23.61 -17.05 14.57
CA VAL A 107 -24.84 -17.74 14.96
CA VAL A 107 -24.81 -17.73 15.05
C VAL A 107 -24.46 -19.13 15.46
N ASN A 108 -24.85 -19.46 16.69
CA ASN A 108 -24.62 -20.78 17.21
C ASN A 108 -25.84 -21.63 16.96
N VAL A 109 -25.62 -22.79 16.36
CA VAL A 109 -26.71 -23.67 15.95
C VAL A 109 -26.37 -25.14 16.18
N SER A 110 -27.39 -25.98 16.08
CA SER A 110 -27.18 -27.41 16.00
CA SER A 110 -27.23 -27.42 16.01
C SER A 110 -27.71 -27.87 14.65
N LEU A 111 -26.95 -28.73 13.99
CA LEU A 111 -27.31 -29.28 12.68
C LEU A 111 -26.70 -30.66 12.52
N GLY A 112 -27.51 -31.62 12.11
CA GLY A 112 -27.02 -32.96 11.83
C GLY A 112 -26.47 -33.69 13.05
N GLY A 113 -26.88 -33.26 14.23
CA GLY A 113 -26.38 -33.86 15.45
C GLY A 113 -25.04 -33.28 15.86
N ASN A 114 -24.73 -32.09 15.36
CA ASN A 114 -23.49 -31.40 15.69
C ASN A 114 -23.70 -29.93 16.00
N GLU A 115 -22.88 -29.42 16.92
CA GLU A 115 -22.93 -28.02 17.33
C GLU A 115 -21.99 -27.18 16.46
N PHE A 116 -22.49 -26.07 15.93
CA PHE A 116 -21.72 -25.19 15.06
C PHE A 116 -21.74 -23.75 15.51
N CYS A 117 -20.65 -23.04 15.25
CA CYS A 117 -20.61 -21.60 15.31
C CYS A 117 -20.37 -21.11 13.88
N LEU A 118 -21.40 -20.50 13.29
CA LEU A 118 -21.35 -20.02 11.91
C LEU A 118 -21.11 -18.52 11.92
N MET A 119 -20.13 -18.07 11.14
CA MET A 119 -19.69 -16.68 11.20
C MET A 119 -19.62 -16.08 9.81
N THR A 120 -20.00 -14.82 9.70
CA THR A 120 -19.79 -14.11 8.47
C THR A 120 -19.43 -12.65 8.73
N SER A 121 -18.77 -12.06 7.73
CA SER A 121 -18.41 -10.65 7.76
C SER A 121 -18.19 -10.20 6.34
N HIS A 122 -18.21 -8.89 6.18
CA HIS A 122 -17.88 -8.21 4.96
C HIS A 122 -16.73 -7.29 5.35
N LEU A 123 -15.49 -7.74 5.20
CA LEU A 123 -14.37 -6.96 5.70
C LEU A 123 -14.18 -5.68 4.90
N GLU A 124 -13.58 -4.70 5.55
CA GLU A 124 -13.38 -3.37 4.99
C GLU A 124 -12.94 -3.47 3.52
N SER A 125 -13.60 -2.69 2.66
CA SER A 125 -13.37 -2.77 1.22
C SER A 125 -12.24 -1.85 0.73
N THR A 126 -11.69 -2.24 -0.43
CA THR A 126 -10.69 -1.50 -1.22
C THR A 126 -9.25 -1.67 -0.76
N ARG A 127 -8.35 -1.56 -1.73
CA ARG A 127 -6.93 -1.72 -1.47
CA ARG A 127 -6.94 -1.73 -1.46
C ARG A 127 -6.44 -0.74 -0.40
N GLU A 128 -6.96 0.48 -0.44
CA GLU A 128 -6.54 1.56 0.44
CA GLU A 128 -6.51 1.55 0.44
C GLU A 128 -6.83 1.29 1.92
N HIS A 129 -7.80 0.42 2.21
CA HIS A 129 -8.16 0.11 3.59
C HIS A 129 -7.58 -1.24 4.05
N SER A 130 -6.46 -1.62 3.45
CA SER A 130 -5.75 -2.86 3.79
C SER A 130 -5.49 -3.00 5.29
N ALA A 131 -4.96 -1.96 5.92
CA ALA A 131 -4.58 -2.06 7.33
C ALA A 131 -5.79 -2.38 8.21
N GLU A 132 -6.91 -1.73 7.95
CA GLU A 132 -8.10 -2.01 8.76
C GLU A 132 -8.66 -3.39 8.43
N ARG A 133 -8.58 -3.80 7.17
CA ARG A 133 -9.07 -5.11 6.78
C ARG A 133 -8.26 -6.20 7.49
N ILE A 134 -6.95 -5.98 7.59
CA ILE A 134 -6.10 -6.94 8.27
C ILE A 134 -6.44 -7.01 9.76
N ARG A 135 -6.69 -5.85 10.37
CA ARG A 135 -7.09 -5.82 11.77
C ARG A 135 -8.40 -6.60 11.95
N GLN A 136 -9.32 -6.44 11.02
CA GLN A 136 -10.59 -7.17 11.12
C GLN A 136 -10.38 -8.67 10.95
N LEU A 137 -9.51 -9.05 10.02
CA LEU A 137 -9.21 -10.48 9.84
C LEU A 137 -8.71 -11.08 11.15
N LYS A 138 -7.83 -10.36 11.83
CA LYS A 138 -7.31 -10.82 13.12
C LYS A 138 -8.45 -11.01 14.13
N THR A 139 -9.42 -10.12 14.11
CA THR A 139 -10.56 -10.23 15.01
C THR A 139 -11.34 -11.50 14.69
N VAL A 140 -11.55 -11.75 13.40
CA VAL A 140 -12.26 -12.94 12.97
C VAL A 140 -11.52 -14.20 13.38
N LEU A 141 -10.23 -14.27 13.08
CA LEU A 141 -9.45 -15.47 13.39
C LEU A 141 -9.37 -15.68 14.91
N GLY A 142 -9.23 -14.61 15.67
CA GLY A 142 -9.22 -14.72 17.13
C GLY A 142 -10.53 -15.30 17.65
N LYS A 143 -11.64 -14.88 17.06
CA LYS A 143 -12.95 -15.37 17.50
C LYS A 143 -13.08 -16.87 17.13
N MET A 144 -12.56 -17.26 15.97
CA MET A 144 -12.58 -18.68 15.58
C MET A 144 -11.80 -19.52 16.59
N GLN A 145 -10.67 -19.02 17.06
CA GLN A 145 -9.84 -19.77 18.00
C GLN A 145 -10.49 -19.87 19.38
N GLU A 146 -11.25 -18.85 19.74
CA GLU A 146 -11.81 -18.76 21.09
CA GLU A 146 -11.86 -18.71 21.07
C GLU A 146 -13.01 -19.67 21.29
N ALA A 147 -13.59 -20.18 20.21
CA ALA A 147 -14.75 -21.07 20.33
C ALA A 147 -14.43 -22.32 21.14
N PRO A 148 -15.41 -22.83 21.90
CA PRO A 148 -15.21 -24.07 22.66
C PRO A 148 -14.75 -25.20 21.74
N ASP A 149 -13.85 -26.04 22.23
CA ASP A 149 -13.17 -27.02 21.37
C ASP A 149 -14.13 -28.00 20.70
N SER A 150 -15.25 -28.24 21.37
CA SER A 150 -16.25 -29.18 20.88
C SER A 150 -17.04 -28.68 19.67
N THR A 151 -17.14 -27.36 19.54
CA THR A 151 -17.97 -26.78 18.49
CA THR A 151 -17.98 -26.80 18.48
C THR A 151 -17.21 -26.72 17.18
N THR A 152 -17.93 -26.82 16.07
CA THR A 152 -17.35 -26.75 14.76
C THR A 152 -17.53 -25.33 14.28
N VAL A 153 -16.43 -24.67 13.93
CA VAL A 153 -16.49 -23.25 13.54
C VAL A 153 -16.32 -23.10 12.04
N ILE A 154 -17.26 -22.40 11.40
CA ILE A 154 -17.16 -22.11 9.99
C ILE A 154 -17.39 -20.63 9.79
N PHE A 155 -16.42 -19.98 9.14
CA PHE A 155 -16.56 -18.62 8.67
C PHE A 155 -16.69 -18.64 7.18
N ALA A 156 -17.65 -17.89 6.66
CA ALA A 156 -17.75 -17.72 5.22
C ALA A 156 -18.20 -16.30 4.97
N GLY A 157 -17.46 -15.59 4.14
CA GLY A 157 -17.84 -14.23 3.86
C GLY A 157 -17.00 -13.52 2.81
N ASP A 158 -17.23 -12.23 2.67
CA ASP A 158 -16.52 -11.43 1.70
C ASP A 158 -15.39 -10.77 2.44
N THR A 159 -14.21 -11.32 2.25
CA THR A 159 -13.05 -10.86 3.01
C THR A 159 -12.32 -9.71 2.37
N ASN A 160 -12.57 -9.47 1.08
CA ASN A 160 -11.83 -8.46 0.34
C ASN A 160 -10.32 -8.63 0.39
N LEU A 161 -9.87 -9.83 0.73
CA LEU A 161 -8.42 -10.06 0.90
C LEU A 161 -7.67 -10.18 -0.41
N ARG A 162 -6.44 -9.68 -0.35
CA ARG A 162 -5.42 -9.92 -1.35
C ARG A 162 -4.46 -10.91 -0.70
N ASP A 163 -3.86 -11.80 -1.48
CA ASP A 163 -3.03 -12.87 -0.90
C ASP A 163 -1.90 -12.33 0.00
N GLN A 164 -1.31 -11.20 -0.38
CA GLN A 164 -0.22 -10.65 0.42
C GLN A 164 -0.65 -10.26 1.84
N GLU A 165 -1.95 -10.01 2.02
CA GLU A 165 -2.46 -9.51 3.29
C GLU A 165 -2.58 -10.60 4.35
N VAL A 166 -2.92 -11.82 3.93
CA VAL A 166 -3.03 -12.92 4.87
C VAL A 166 -1.67 -13.25 5.50
N ILE A 167 -0.57 -13.12 4.77
N ILE A 167 -0.64 -13.11 4.67
CA ILE A 167 0.72 -13.40 5.40
CA ILE A 167 0.76 -13.30 5.04
C ILE A 167 0.99 -12.40 6.54
C ILE A 167 1.22 -12.21 5.99
N LYS A 168 0.76 -11.11 6.25
N LYS A 168 0.71 -11.00 5.80
CA LYS A 168 1.03 -10.04 7.22
CA LYS A 168 1.05 -9.89 6.70
C LYS A 168 0.15 -10.16 8.47
C LYS A 168 0.55 -10.18 8.11
N CYS A 169 -0.79 -11.09 8.44
N CYS A 169 -0.46 -11.04 8.22
CA CYS A 169 -1.66 -11.33 9.57
CA CYS A 169 -0.91 -11.54 9.51
C CYS A 169 -1.09 -12.39 10.50
C CYS A 169 -0.05 -12.71 9.97
N GLY A 170 -0.13 -13.15 9.98
N GLY A 170 0.76 -13.23 9.05
CA GLY A 170 0.43 -14.31 10.68
CA GLY A 170 1.56 -14.42 9.30
C GLY A 170 0.06 -15.60 9.99
C GLY A 170 0.84 -15.69 8.87
N GLY A 171 -0.52 -15.47 8.79
N GLY A 171 -0.32 -15.53 8.25
CA GLY A 171 -1.06 -16.59 8.06
CA GLY A 171 -1.08 -16.66 7.74
C GLY A 171 -2.28 -17.10 8.78
C GLY A 171 -2.16 -17.14 8.69
N LEU A 172 -3.01 -18.03 8.18
CA LEU A 172 -4.07 -18.67 8.95
C LEU A 172 -3.41 -19.44 10.09
N PRO A 173 -4.00 -19.38 11.29
CA PRO A 173 -3.39 -20.10 12.41
C PRO A 173 -3.48 -21.60 12.23
N ASP A 174 -2.81 -22.37 13.08
CA ASP A 174 -2.52 -23.77 12.78
C ASP A 174 -3.69 -24.71 12.57
N ASN A 175 -4.76 -24.55 13.32
CA ASN A 175 -5.96 -25.38 13.21
CA ASN A 175 -5.93 -25.43 13.13
C ASN A 175 -7.07 -24.75 12.37
N VAL A 176 -6.73 -23.73 11.59
CA VAL A 176 -7.71 -23.01 10.75
C VAL A 176 -7.31 -23.15 9.28
N PHE A 177 -8.27 -23.55 8.45
CA PHE A 177 -8.00 -23.85 7.06
C PHE A 177 -8.94 -23.09 6.16
N ASP A 178 -8.47 -22.85 4.93
CA ASP A 178 -9.26 -22.23 3.89
C ASP A 178 -9.78 -23.37 3.00
N ALA A 179 -11.10 -23.40 2.78
CA ALA A 179 -11.70 -24.56 2.08
C ALA A 179 -11.18 -24.73 0.67
N TRP A 180 -10.94 -23.62 -0.01
CA TRP A 180 -10.45 -23.64 -1.38
C TRP A 180 -9.03 -24.17 -1.40
N GLU A 181 -8.23 -23.77 -0.42
CA GLU A 181 -6.85 -24.29 -0.29
C GLU A 181 -6.89 -25.77 0.03
N PHE A 182 -7.76 -26.16 0.95
CA PHE A 182 -7.87 -27.56 1.34
C PHE A 182 -8.14 -28.46 0.12
N LEU A 183 -9.01 -27.98 -0.77
CA LEU A 183 -9.40 -28.76 -1.94
C LEU A 183 -8.37 -28.68 -3.08
N GLY A 184 -7.20 -28.09 -2.81
CA GLY A 184 -6.10 -28.08 -3.76
C GLY A 184 -6.15 -26.92 -4.75
N LYS A 185 -6.77 -25.82 -4.34
CA LYS A 185 -6.79 -24.60 -5.16
C LYS A 185 -7.35 -24.81 -6.57
N PRO A 186 -8.52 -25.42 -6.66
CA PRO A 186 -9.11 -25.65 -7.99
C PRO A 186 -9.35 -24.36 -8.74
N LYS A 187 -9.01 -24.37 -10.02
CA LYS A 187 -9.13 -23.17 -10.83
C LYS A 187 -10.57 -22.74 -11.12
N HIS A 188 -11.50 -23.68 -11.17
CA HIS A 188 -12.85 -23.36 -11.63
C HIS A 188 -13.56 -22.39 -10.69
N CYS A 189 -13.17 -22.34 -9.43
CA CYS A 189 -13.85 -21.46 -8.49
C CYS A 189 -12.89 -20.56 -7.75
N GLN A 190 -11.74 -20.32 -8.35
CA GLN A 190 -10.72 -19.50 -7.71
C GLN A 190 -11.16 -18.05 -7.56
N TYR A 191 -11.67 -17.45 -8.64
CA TYR A 191 -12.03 -16.05 -8.60
C TYR A 191 -13.52 -15.86 -8.38
N THR A 192 -13.86 -15.02 -7.40
CA THR A 192 -15.24 -14.82 -7.00
C THR A 192 -15.73 -13.42 -7.38
N TRP A 193 -14.83 -12.61 -7.92
CA TRP A 193 -15.15 -11.26 -8.35
C TRP A 193 -14.29 -10.99 -9.58
N ASP A 194 -14.93 -10.80 -10.73
CA ASP A 194 -14.22 -10.83 -12.00
C ASP A 194 -14.88 -9.89 -13.00
N THR A 195 -14.25 -8.75 -13.26
CA THR A 195 -14.89 -7.72 -14.05
C THR A 195 -14.82 -7.99 -15.55
N LYS A 196 -14.09 -9.02 -15.95
CA LYS A 196 -14.09 -9.44 -17.35
CA LYS A 196 -14.10 -9.44 -17.35
C LYS A 196 -15.37 -10.25 -17.61
N ALA A 197 -15.68 -11.15 -16.70
CA ALA A 197 -16.82 -12.06 -16.82
C ALA A 197 -18.13 -11.46 -16.29
N ASN A 198 -18.03 -10.46 -15.43
CA ASN A 198 -19.17 -9.84 -14.78
C ASN A 198 -19.15 -8.33 -15.04
N ASN A 199 -20.24 -7.82 -15.61
CA ASN A 199 -20.27 -6.39 -15.95
CA ASN A 199 -20.39 -6.43 -16.04
C ASN A 199 -21.24 -5.57 -15.11
N ASN A 200 -21.67 -6.11 -13.97
CA ASN A 200 -22.65 -5.39 -13.14
C ASN A 200 -22.17 -4.00 -12.70
N LEU A 201 -20.89 -3.89 -12.37
CA LEU A 201 -20.33 -2.60 -11.95
C LEU A 201 -19.97 -1.69 -13.12
N ARG A 202 -20.02 -2.24 -14.34
CA ARG A 202 -19.70 -1.50 -15.55
CA ARG A 202 -19.71 -1.49 -15.54
C ARG A 202 -18.27 -0.97 -15.55
N ILE A 203 -17.36 -1.73 -14.94
CA ILE A 203 -15.94 -1.37 -14.95
C ILE A 203 -15.31 -1.75 -16.29
N PRO A 204 -14.74 -0.76 -17.01
CA PRO A 204 -14.19 -1.04 -18.35
C PRO A 204 -12.75 -1.53 -18.28
N ALA A 205 -12.55 -2.63 -17.57
CA ALA A 205 -11.25 -3.21 -17.38
C ALA A 205 -11.44 -4.62 -16.85
N ALA A 206 -10.37 -5.40 -16.87
CA ALA A 206 -10.44 -6.81 -16.47
C ALA A 206 -9.56 -7.06 -15.25
N TYR A 207 -10.22 -7.18 -14.10
CA TYR A 207 -9.54 -7.53 -12.85
C TYR A 207 -10.32 -8.64 -12.15
N LYS A 208 -9.60 -9.55 -11.48
CA LYS A 208 -10.24 -10.65 -10.80
C LYS A 208 -9.55 -10.97 -9.48
N HIS A 209 -10.38 -11.28 -8.49
CA HIS A 209 -9.93 -11.53 -7.13
C HIS A 209 -10.70 -12.65 -6.47
N ARG A 210 -10.01 -13.34 -5.57
CA ARG A 210 -10.65 -14.27 -4.64
C ARG A 210 -11.00 -13.54 -3.35
N PHE A 211 -12.05 -12.72 -3.42
CA PHE A 211 -12.49 -11.94 -2.26
C PHE A 211 -13.31 -12.75 -1.26
N ASP A 212 -14.08 -13.68 -1.79
CA ASP A 212 -15.01 -14.46 -0.98
C ASP A 212 -14.35 -15.74 -0.57
N ARG A 213 -14.30 -16.01 0.74
CA ARG A 213 -13.51 -17.10 1.28
C ARG A 213 -14.22 -17.81 2.43
N ILE A 214 -13.81 -19.05 2.64
CA ILE A 214 -14.37 -19.93 3.65
C ILE A 214 -13.22 -20.42 4.52
N PHE A 215 -13.31 -20.16 5.83
CA PHE A 215 -12.34 -20.66 6.80
C PHE A 215 -13.05 -21.60 7.74
N PHE A 216 -12.37 -22.64 8.18
CA PHE A 216 -12.95 -23.53 9.17
C PHE A 216 -11.92 -23.98 10.17
N ARG A 217 -12.39 -24.32 11.37
N ARG A 217 -12.40 -24.21 11.39
CA ARG A 217 -11.53 -24.87 12.41
CA ARG A 217 -11.61 -24.72 12.48
C ARG A 217 -11.67 -26.39 12.50
C ARG A 217 -12.37 -25.88 13.12
N ALA A 218 -10.56 -27.11 12.49
N ALA A 218 -11.78 -27.06 13.05
CA ALA A 218 -10.58 -28.56 12.57
CA ALA A 218 -12.36 -28.22 13.72
C ALA A 218 -9.31 -29.15 13.16
C ALA A 218 -11.24 -29.06 14.31
N GLU A 219 -9.50 -30.01 14.18
N GLU A 219 -11.58 -29.93 15.25
CA GLU A 219 -8.43 -30.81 14.73
CA GLU A 219 -10.59 -30.86 15.78
C GLU A 219 -8.81 -32.28 14.60
C GLU A 219 -10.12 -31.74 14.63
N GLU A 220 -7.90 -33.08 14.05
N GLU A 220 -8.87 -32.19 14.72
CA GLU A 220 -8.10 -34.53 13.90
CA GLU A 220 -8.21 -32.92 13.63
C GLU A 220 -9.14 -34.89 12.84
C GLU A 220 -9.11 -33.91 12.87
N GLY A 221 -9.20 -34.09 11.78
N GLY A 221 -9.27 -33.68 11.57
CA GLY A 221 -10.00 -34.41 10.60
CA GLY A 221 -10.00 -34.58 10.71
C GLY A 221 -11.50 -34.53 10.84
C GLY A 221 -11.51 -34.55 10.83
N HIS A 222 -12.03 -33.73 11.75
CA HIS A 222 -13.45 -33.78 12.06
C HIS A 222 -14.31 -33.04 11.04
N LEU A 223 -13.71 -32.17 10.25
CA LEU A 223 -14.45 -31.43 9.23
C LEU A 223 -13.70 -31.49 7.90
N ILE A 224 -14.33 -32.08 6.90
CA ILE A 224 -13.68 -32.35 5.62
CA ILE A 224 -13.67 -32.33 5.63
C ILE A 224 -14.46 -31.72 4.47
N PRO A 225 -13.91 -30.66 3.86
CA PRO A 225 -14.59 -30.13 2.68
C PRO A 225 -14.69 -31.19 1.60
N GLN A 226 -15.86 -31.25 0.96
CA GLN A 226 -16.14 -32.23 -0.08
C GLN A 226 -16.14 -31.60 -1.45
N SER A 227 -16.65 -30.36 -1.54
CA SER A 227 -16.73 -29.69 -2.82
C SER A 227 -16.87 -28.19 -2.66
N LEU A 228 -16.47 -27.47 -3.71
CA LEU A 228 -16.62 -26.03 -3.77
C LEU A 228 -16.88 -25.66 -5.22
N ASP A 229 -17.91 -24.84 -5.43
CA ASP A 229 -18.33 -24.47 -6.78
C ASP A 229 -18.86 -23.05 -6.78
N LEU A 230 -18.77 -22.35 -7.91
CA LEU A 230 -19.37 -21.03 -8.04
C LEU A 230 -20.86 -21.13 -8.36
N VAL A 231 -21.61 -20.14 -7.92
CA VAL A 231 -23.01 -19.98 -8.36
C VAL A 231 -23.26 -18.54 -8.76
N GLY A 232 -24.36 -18.32 -9.48
CA GLY A 232 -24.76 -16.99 -9.89
C GLY A 232 -24.14 -16.49 -11.18
N LEU A 233 -23.73 -17.40 -12.04
CA LEU A 233 -23.06 -17.02 -13.30
C LEU A 233 -24.03 -16.90 -14.48
N GLU A 234 -25.33 -16.97 -14.21
CA GLU A 234 -26.34 -16.86 -15.28
C GLU A 234 -26.87 -15.45 -15.29
N LYS A 235 -26.87 -14.83 -16.47
CA LYS A 235 -27.54 -13.53 -16.61
C LYS A 235 -29.04 -13.71 -16.45
N LEU A 236 -29.65 -12.69 -15.87
CA LEU A 236 -31.08 -12.65 -15.64
C LEU A 236 -31.79 -11.95 -16.82
N ASP A 237 -33.11 -11.80 -16.74
CA ASP A 237 -33.89 -11.21 -17.82
CA ASP A 237 -33.89 -11.22 -17.82
C ASP A 237 -33.41 -9.82 -18.19
N CYS A 238 -32.92 -9.07 -17.19
CA CYS A 238 -32.45 -7.71 -17.40
C CYS A 238 -31.07 -7.64 -18.04
N GLY A 239 -30.45 -8.81 -18.25
CA GLY A 239 -29.16 -8.83 -18.90
C GLY A 239 -28.01 -8.60 -17.95
N ARG A 240 -28.31 -8.60 -16.65
CA ARG A 240 -27.26 -8.45 -15.62
C ARG A 240 -27.26 -9.70 -14.73
N PHE A 241 -26.21 -9.83 -13.91
CA PHE A 241 -26.12 -10.95 -12.97
C PHE A 241 -26.78 -10.60 -11.63
N PRO A 242 -27.05 -11.62 -10.79
CA PRO A 242 -27.61 -11.33 -9.46
C PRO A 242 -26.76 -10.36 -8.66
N SER A 243 -25.45 -10.40 -8.88
CA SER A 243 -24.52 -9.55 -8.12
C SER A 243 -23.26 -9.34 -8.94
N ASP A 244 -22.42 -8.39 -8.51
CA ASP A 244 -21.08 -8.23 -9.04
C ASP A 244 -20.14 -9.34 -8.58
N HIS A 245 -20.50 -10.04 -7.49
CA HIS A 245 -19.76 -11.22 -7.06
C HIS A 245 -20.45 -12.49 -7.53
N TRP A 246 -19.63 -13.53 -7.73
CA TRP A 246 -20.15 -14.88 -7.77
C TRP A 246 -20.31 -15.40 -6.32
N GLY A 247 -21.26 -16.30 -6.12
CA GLY A 247 -21.44 -16.99 -4.85
C GLY A 247 -20.60 -18.25 -4.81
N LEU A 248 -20.36 -18.75 -3.61
CA LEU A 248 -19.70 -20.02 -3.40
C LEU A 248 -20.65 -21.02 -2.78
N LEU A 249 -20.73 -22.21 -3.36
CA LEU A 249 -21.49 -23.32 -2.83
C LEU A 249 -20.51 -24.35 -2.34
N CYS A 250 -20.64 -24.71 -1.05
CA CYS A 250 -19.68 -25.59 -0.40
C CYS A 250 -20.43 -26.69 0.36
N THR A 251 -19.92 -27.90 0.26
CA THR A 251 -20.38 -29.00 1.09
CA THR A 251 -20.38 -28.97 1.13
C THR A 251 -19.21 -29.51 1.92
N LEU A 252 -19.49 -29.79 3.18
CA LEU A 252 -18.50 -30.31 4.12
CA LEU A 252 -18.49 -30.36 4.08
C LEU A 252 -19.07 -31.52 4.85
N ASN A 253 -18.21 -32.48 5.14
CA ASN A 253 -18.62 -33.62 5.96
CA ASN A 253 -18.57 -33.65 5.92
C ASN A 253 -18.09 -33.49 7.36
N VAL A 254 -18.97 -33.80 8.31
CA VAL A 254 -18.59 -33.82 9.72
C VAL A 254 -18.29 -35.28 10.07
N VAL A 255 -17.07 -35.56 10.46
CA VAL A 255 -16.61 -36.94 10.60
C VAL A 255 -16.25 -37.28 12.05
N LEU A 256 -16.56 -38.51 12.47
CA LEU A 256 -16.22 -39.00 13.80
C LEU A 256 -14.72 -38.95 14.10
N SER B 8 41.03 22.40 4.06
N SER B 8 40.64 23.74 3.74
CA SER B 8 40.20 23.47 3.51
CA SER B 8 40.63 22.30 3.51
C SER B 8 38.72 23.15 3.69
C SER B 8 39.21 21.79 3.37
N THR B 9 37.95 24.16 4.07
N THR B 9 38.35 22.57 2.69
CA THR B 9 36.51 24.02 4.15
CA THR B 9 36.91 22.37 2.79
C THR B 9 35.92 24.04 2.75
C THR B 9 36.20 22.14 1.46
N ILE B 10 34.89 23.22 2.53
N ILE B 10 34.99 21.59 1.55
CA ILE B 10 34.14 23.26 1.29
CA ILE B 10 34.03 21.65 0.47
C ILE B 10 32.67 23.41 1.65
C ILE B 10 32.69 22.11 1.05
N SER B 11 31.86 23.78 0.66
N SER B 11 32.02 22.99 0.31
CA SER B 11 30.44 23.93 0.90
CA SER B 11 30.70 23.50 0.70
C SER B 11 29.62 23.60 -0.33
C SER B 11 29.72 23.26 -0.43
N PHE B 12 28.45 23.03 -0.08
CA PHE B 12 27.47 22.80 -1.09
C PHE B 12 26.05 23.05 -0.59
N ILE B 13 25.18 23.23 -1.57
CA ILE B 13 23.76 23.31 -1.32
C ILE B 13 23.09 22.24 -2.16
N THR B 14 22.11 21.52 -1.60
CA THR B 14 21.22 20.67 -2.38
C THR B 14 19.82 21.19 -2.22
N TRP B 15 19.07 21.24 -3.31
CA TRP B 15 17.78 21.93 -3.30
C TRP B 15 16.92 21.48 -4.46
N ASN B 16 15.76 20.95 -4.13
CA ASN B 16 14.71 20.73 -5.10
C ASN B 16 14.00 22.07 -5.26
N ILE B 17 14.12 22.69 -6.44
CA ILE B 17 13.67 24.06 -6.61
C ILE B 17 12.32 24.17 -7.31
N ASP B 18 11.65 23.03 -7.49
CA ASP B 18 10.25 23.01 -7.94
C ASP B 18 10.01 23.80 -9.24
N GLY B 19 10.79 23.47 -10.27
CA GLY B 19 10.60 24.09 -11.56
C GLY B 19 9.30 23.68 -12.22
N LEU B 20 8.69 22.61 -11.71
CA LEU B 20 7.41 22.13 -12.22
C LEU B 20 6.23 23.04 -11.79
N ASP B 21 6.43 23.86 -10.76
CA ASP B 21 5.42 24.86 -10.39
C ASP B 21 5.64 26.12 -11.22
N GLY B 22 4.77 26.35 -12.19
CA GLY B 22 4.94 27.50 -13.06
C GLY B 22 4.59 28.83 -12.42
N CYS B 23 3.86 28.79 -11.30
CA CYS B 23 3.40 30.00 -10.67
C CYS B 23 4.54 30.74 -9.98
N ASN B 24 4.73 32.00 -10.36
CA ASN B 24 5.79 32.86 -9.84
C ASN B 24 7.18 32.31 -10.10
N LEU B 25 7.31 31.51 -11.14
CA LEU B 25 8.56 30.79 -11.36
C LEU B 25 9.72 31.74 -11.60
N PRO B 26 9.53 32.75 -12.47
CA PRO B 26 10.66 33.68 -12.66
C PRO B 26 11.11 34.32 -11.35
N GLU B 27 10.17 34.82 -10.55
CA GLU B 27 10.54 35.42 -9.26
C GLU B 27 11.17 34.40 -8.31
N ARG B 28 10.68 33.17 -8.36
CA ARG B 28 11.19 32.14 -7.46
C ARG B 28 12.61 31.69 -7.86
N ALA B 29 12.91 31.67 -9.17
CA ALA B 29 14.25 31.32 -9.63
C ALA B 29 15.23 32.39 -9.22
N ARG B 30 14.82 33.65 -9.36
CA ARG B 30 15.66 34.75 -8.92
C ARG B 30 15.87 34.66 -7.39
N GLY B 31 14.85 34.22 -6.67
CA GLY B 31 14.95 34.00 -5.24
C GLY B 31 15.94 32.90 -4.87
N VAL B 32 15.93 31.80 -5.62
CA VAL B 32 16.92 30.75 -5.42
C VAL B 32 18.33 31.32 -5.60
N CYS B 33 18.56 32.07 -6.66
CA CYS B 33 19.89 32.56 -6.93
C CYS B 33 20.36 33.64 -5.96
N SER B 34 19.43 34.47 -5.47
CA SER B 34 19.78 35.46 -4.45
C SER B 34 20.28 34.70 -3.24
N CYS B 35 19.64 33.58 -2.97
CA CYS B 35 20.02 32.72 -1.87
CA CYS B 35 20.04 32.72 -1.86
C CYS B 35 21.40 32.10 -2.11
N LEU B 36 21.62 31.53 -3.29
CA LEU B 36 22.94 30.94 -3.60
C LEU B 36 24.04 31.99 -3.51
N ALA B 37 23.73 33.23 -3.89
CA ALA B 37 24.71 34.29 -3.86
C ALA B 37 25.18 34.62 -2.43
N LEU B 38 24.32 34.35 -1.45
CA LEU B 38 24.65 34.67 -0.07
CA LEU B 38 24.63 34.65 -0.05
C LEU B 38 25.70 33.73 0.49
N TYR B 39 25.72 32.49 -0.01
CA TYR B 39 26.62 31.45 0.51
C TYR B 39 27.78 31.09 -0.42
N SER B 40 27.65 31.42 -1.71
CA SER B 40 28.68 31.14 -2.69
C SER B 40 29.27 29.73 -2.58
N PRO B 41 28.41 28.71 -2.65
CA PRO B 41 28.88 27.34 -2.44
C PRO B 41 29.78 26.83 -3.55
N ASP B 42 30.64 25.88 -3.22
CA ASP B 42 31.51 25.26 -4.23
C ASP B 42 30.70 24.44 -5.23
N VAL B 43 29.64 23.79 -4.74
CA VAL B 43 28.82 22.90 -5.54
C VAL B 43 27.34 23.16 -5.22
N VAL B 44 26.49 23.08 -6.24
CA VAL B 44 25.05 23.14 -5.99
C VAL B 44 24.44 21.94 -6.70
N PHE B 45 23.67 21.17 -5.96
CA PHE B 45 22.91 20.05 -6.52
C PHE B 45 21.45 20.49 -6.60
N LEU B 46 20.85 20.45 -7.79
CA LEU B 46 19.47 20.90 -7.94
C LEU B 46 18.60 19.79 -8.48
N GLN B 47 17.34 19.81 -8.07
CA GLN B 47 16.34 18.92 -8.64
C GLN B 47 15.13 19.71 -9.14
N GLU B 48 14.43 19.13 -10.11
CA GLU B 48 13.28 19.75 -10.78
C GLU B 48 13.63 21.03 -11.54
N VAL B 49 14.80 21.01 -12.17
CA VAL B 49 15.14 22.03 -13.14
C VAL B 49 14.36 21.74 -14.44
N ILE B 50 13.91 22.78 -15.11
CA ILE B 50 13.26 22.66 -16.42
C ILE B 50 14.08 23.48 -17.41
N PRO B 51 13.87 23.26 -18.72
CA PRO B 51 14.78 23.90 -19.69
C PRO B 51 14.94 25.43 -19.59
N PRO B 52 13.86 26.20 -19.39
CA PRO B 52 14.09 27.64 -19.30
C PRO B 52 14.75 28.05 -17.99
N TYR B 53 14.59 27.23 -16.96
CA TYR B 53 15.25 27.46 -15.68
C TYR B 53 16.74 27.21 -15.87
N CYS B 54 17.07 26.15 -16.60
CA CYS B 54 18.44 25.86 -16.93
C CYS B 54 19.07 27.00 -17.76
N ALA B 55 18.30 27.51 -18.71
CA ALA B 55 18.78 28.62 -19.52
C ALA B 55 19.10 29.83 -18.65
N TYR B 56 18.22 30.10 -17.70
CA TYR B 56 18.46 31.19 -16.75
C TYR B 56 19.75 30.96 -15.96
N LEU B 57 19.92 29.75 -15.44
CA LEU B 57 21.12 29.44 -14.64
C LEU B 57 22.39 29.58 -15.45
N LYS B 58 22.33 29.23 -16.73
CA LYS B 58 23.53 29.33 -17.56
C LYS B 58 24.02 30.77 -17.67
N LYS B 59 23.12 31.72 -17.52
CA LYS B 59 23.50 33.13 -17.49
CA LYS B 59 23.49 33.14 -17.50
C LYS B 59 23.78 33.63 -16.08
N ARG B 60 22.84 33.40 -15.17
CA ARG B 60 22.97 33.89 -13.79
C ARG B 60 24.12 33.22 -13.04
N ALA B 61 24.30 31.93 -13.29
CA ALA B 61 25.36 31.17 -12.66
C ALA B 61 26.48 30.86 -13.65
N ALA B 62 26.81 31.82 -14.51
CA ALA B 62 27.86 31.60 -15.54
C ALA B 62 29.22 31.30 -14.92
N SER B 63 29.37 31.65 -13.64
CA SER B 63 30.58 31.38 -12.88
C SER B 63 30.68 29.92 -12.40
N TYR B 64 29.70 29.12 -12.75
CA TYR B 64 29.69 27.68 -12.43
C TYR B 64 29.61 26.88 -13.69
N THR B 65 30.26 25.72 -13.70
CA THR B 65 30.07 24.75 -14.76
C THR B 65 28.78 24.03 -14.46
N ILE B 66 27.90 23.92 -15.45
CA ILE B 66 26.58 23.36 -15.24
C ILE B 66 26.43 22.06 -15.99
N ILE B 67 26.23 20.99 -15.22
CA ILE B 67 26.01 19.66 -15.74
C ILE B 67 24.56 19.25 -15.48
N THR B 68 23.86 18.74 -16.49
CA THR B 68 22.42 18.42 -16.35
C THR B 68 22.08 16.94 -16.56
N GLY B 69 20.97 16.50 -15.95
CA GLY B 69 20.57 15.10 -16.02
C GLY B 69 19.69 14.74 -17.21
N ASN B 70 19.24 15.75 -17.94
CA ASN B 70 18.40 15.57 -19.13
C ASN B 70 18.26 16.91 -19.82
N GLU B 71 17.70 16.88 -21.01
CA GLU B 71 17.53 18.06 -21.85
CA GLU B 71 17.53 18.10 -21.81
C GLU B 71 16.06 18.50 -21.90
N GLU B 72 15.14 17.57 -21.66
CA GLU B 72 13.71 17.84 -21.76
CA GLU B 72 13.71 17.88 -21.73
C GLU B 72 12.99 17.45 -20.47
N GLY B 73 11.77 17.95 -20.28
CA GLY B 73 10.97 17.64 -19.12
C GLY B 73 11.50 18.33 -17.88
N TYR B 74 11.74 17.57 -16.83
CA TYR B 74 12.39 18.12 -15.65
C TYR B 74 13.49 17.18 -15.23
N PHE B 75 14.52 17.74 -14.60
CA PHE B 75 15.75 16.99 -14.41
C PHE B 75 16.61 17.61 -13.34
N THR B 76 17.67 16.91 -12.98
CA THR B 76 18.62 17.40 -11.99
C THR B 76 19.75 18.18 -12.65
N ALA B 77 20.52 18.88 -11.82
CA ALA B 77 21.72 19.55 -12.29
C ALA B 77 22.73 19.58 -11.17
N ILE B 78 24.00 19.63 -11.54
CA ILE B 78 25.08 19.89 -10.61
C ILE B 78 25.89 21.08 -11.13
N LEU B 79 26.03 22.09 -10.29
CA LEU B 79 26.78 23.31 -10.61
C LEU B 79 28.09 23.28 -9.85
N LEU B 80 29.18 23.55 -10.57
CA LEU B 80 30.53 23.43 -10.03
C LEU B 80 31.25 24.78 -10.15
N LYS B 81 31.67 25.35 -9.01
CA LYS B 81 32.26 26.68 -9.05
C LYS B 81 33.57 26.69 -9.81
N LYS B 82 33.63 27.51 -10.87
CA LYS B 82 34.84 27.61 -11.65
C LYS B 82 35.93 28.22 -10.78
N GLY B 83 37.13 27.65 -10.86
CA GLY B 83 38.26 28.16 -10.09
C GLY B 83 38.42 27.48 -8.75
N ARG B 84 37.38 26.84 -8.28
CA ARG B 84 37.45 26.00 -7.10
C ARG B 84 37.38 24.53 -7.49
N VAL B 85 36.51 24.21 -8.43
CA VAL B 85 36.23 22.83 -8.77
C VAL B 85 36.66 22.55 -10.20
N LYS B 86 37.49 21.54 -10.38
CA LYS B 86 37.90 21.11 -11.71
C LYS B 86 36.99 19.97 -12.15
N PHE B 87 36.27 20.18 -13.24
CA PHE B 87 35.36 19.18 -13.78
C PHE B 87 36.10 18.17 -14.67
N LYS B 88 36.00 16.89 -14.32
CA LYS B 88 36.74 15.81 -15.00
CA LYS B 88 36.74 15.84 -15.02
C LYS B 88 35.86 14.93 -15.89
N SER B 89 34.63 14.66 -15.46
CA SER B 89 33.72 13.85 -16.27
C SER B 89 32.32 13.84 -15.64
N GLN B 90 31.32 13.50 -16.46
CA GLN B 90 29.97 13.28 -15.97
C GLN B 90 29.50 11.90 -16.39
N GLU B 91 28.63 11.31 -15.58
CA GLU B 91 28.04 10.02 -15.90
C GLU B 91 26.57 10.08 -15.52
N ILE B 92 25.72 9.57 -16.39
CA ILE B 92 24.31 9.42 -16.09
C ILE B 92 23.96 7.95 -16.12
N ILE B 93 23.33 7.49 -15.04
CA ILE B 93 22.89 6.13 -14.91
C ILE B 93 21.36 6.10 -14.86
N PRO B 94 20.74 5.30 -15.73
CA PRO B 94 19.28 5.28 -15.77
C PRO B 94 18.69 4.51 -14.62
N PHE B 95 17.46 4.85 -14.26
CA PHE B 95 16.66 3.99 -13.41
C PHE B 95 15.65 3.34 -14.37
N PRO B 96 15.89 2.07 -14.76
CA PRO B 96 15.11 1.47 -15.86
C PRO B 96 13.59 1.44 -15.66
N ASN B 97 13.14 1.43 -14.40
CA ASN B 97 11.71 1.28 -14.12
C ASN B 97 11.05 2.55 -13.60
N THR B 98 11.74 3.68 -13.67
CA THR B 98 11.12 4.94 -13.28
C THR B 98 9.93 5.23 -14.19
N LYS B 99 8.90 5.80 -13.58
CA LYS B 99 7.75 6.33 -14.32
C LYS B 99 7.78 7.85 -14.33
N MET B 100 8.87 8.44 -13.81
CA MET B 100 8.96 9.89 -13.64
C MET B 100 10.29 10.48 -14.19
N MET B 101 10.89 9.74 -15.13
CA MET B 101 12.12 10.14 -15.82
CA MET B 101 12.11 10.19 -15.82
C MET B 101 13.28 10.41 -14.87
N ARG B 102 13.26 9.77 -13.72
CA ARG B 102 14.33 9.96 -12.73
C ARG B 102 15.59 9.18 -13.13
N ASN B 103 16.73 9.65 -12.66
CA ASN B 103 18.00 9.00 -12.94
C ASN B 103 19.06 9.40 -11.92
N LEU B 104 20.28 8.92 -12.13
CA LEU B 104 21.38 9.22 -11.21
C LEU B 104 22.47 9.94 -12.01
N LEU B 105 22.75 11.16 -11.59
CA LEU B 105 23.72 12.03 -12.26
C LEU B 105 24.97 12.13 -11.39
N CYS B 106 26.11 11.82 -11.98
CA CYS B 106 27.38 11.82 -11.25
C CYS B 106 28.40 12.68 -11.96
N VAL B 107 29.24 13.36 -11.19
CA VAL B 107 30.40 14.04 -11.77
C VAL B 107 31.64 13.72 -10.99
N ASN B 108 32.72 13.49 -11.72
CA ASN B 108 34.04 13.37 -11.12
CA ASN B 108 34.02 13.37 -11.11
C ASN B 108 34.73 14.72 -11.18
N VAL B 109 35.25 15.15 -10.04
CA VAL B 109 35.89 16.45 -9.95
C VAL B 109 37.06 16.40 -9.02
N SER B 110 37.85 17.46 -9.05
N SER B 110 37.90 17.43 -9.08
CA SER B 110 38.92 17.61 -8.10
CA SER B 110 38.83 17.72 -7.98
C SER B 110 38.86 18.98 -7.48
C SER B 110 38.40 19.00 -7.31
N LEU B 111 39.16 19.04 -6.19
N LEU B 111 38.52 19.01 -5.99
CA LEU B 111 39.37 20.28 -5.48
CA LEU B 111 38.13 20.14 -5.16
C LEU B 111 40.81 20.22 -4.99
C LEU B 111 38.97 20.09 -3.89
N GLY B 112 41.72 20.76 -5.78
N GLY B 112 39.60 21.20 -3.53
CA GLY B 112 43.13 20.65 -5.47
CA GLY B 112 40.35 21.29 -2.29
C GLY B 112 43.55 19.21 -5.67
C GLY B 112 41.60 20.44 -2.28
N GLY B 113 44.20 18.65 -4.66
N GLY B 113 41.99 19.95 -3.45
CA GLY B 113 44.65 17.27 -4.72
CA GLY B 113 43.16 19.10 -3.58
C GLY B 113 43.54 16.26 -4.52
C GLY B 113 42.84 17.62 -3.47
N ASN B 114 42.46 16.70 -3.88
N ASN B 114 41.56 17.29 -3.55
CA ASN B 114 41.36 15.80 -3.51
CA ASN B 114 41.14 15.90 -3.44
C ASN B 114 40.38 15.51 -4.65
C ASN B 114 40.14 15.49 -4.53
N GLU B 115 40.18 14.23 -4.93
CA GLU B 115 39.27 13.74 -5.94
C GLU B 115 37.91 13.38 -5.34
N PHE B 116 36.84 13.80 -6.00
CA PHE B 116 35.49 13.55 -5.54
C PHE B 116 34.64 12.93 -6.64
N CYS B 117 33.69 12.11 -6.23
CA CYS B 117 32.56 11.73 -7.07
C CYS B 117 31.32 12.32 -6.41
N LEU B 118 30.67 13.24 -7.11
CA LEU B 118 29.51 13.96 -6.56
C LEU B 118 28.30 13.47 -7.32
N MET B 119 27.23 13.15 -6.59
CA MET B 119 26.06 12.48 -7.15
C MET B 119 24.77 13.14 -6.70
N THR B 120 23.80 13.20 -7.61
CA THR B 120 22.46 13.65 -7.21
C THR B 120 21.39 12.89 -7.95
N SER B 121 20.20 12.90 -7.36
CA SER B 121 19.04 12.27 -7.95
C SER B 121 17.81 12.87 -7.30
N HIS B 122 16.69 12.65 -7.95
CA HIS B 122 15.37 12.98 -7.44
C HIS B 122 14.62 11.65 -7.46
N LEU B 123 14.63 10.94 -6.33
CA LEU B 123 14.09 9.58 -6.30
C LEU B 123 12.58 9.63 -6.47
N GLU B 124 12.05 8.54 -7.02
CA GLU B 124 10.63 8.40 -7.31
C GLU B 124 9.77 8.94 -6.17
N SER B 125 8.76 9.74 -6.53
CA SER B 125 7.97 10.48 -5.56
C SER B 125 6.70 9.75 -5.14
N THR B 126 6.23 10.09 -3.94
CA THR B 126 4.95 9.65 -3.36
C THR B 126 5.01 8.30 -2.62
N ARG B 127 4.13 8.17 -1.63
CA ARG B 127 4.07 6.96 -0.83
C ARG B 127 3.81 5.74 -1.70
N GLU B 128 2.98 5.90 -2.71
CA GLU B 128 2.55 4.77 -3.51
C GLU B 128 3.71 4.15 -4.33
N HIS B 129 4.74 4.94 -4.61
CA HIS B 129 5.87 4.43 -5.40
C HIS B 129 7.07 4.04 -4.54
N SER B 130 6.80 3.67 -3.30
CA SER B 130 7.84 3.23 -2.35
C SER B 130 8.77 2.14 -2.89
N ALA B 131 8.21 1.11 -3.51
CA ALA B 131 9.02 -0.01 -3.99
C ALA B 131 10.05 0.44 -5.04
N GLU B 132 9.62 1.25 -6.00
CA GLU B 132 10.55 1.76 -7.01
C GLU B 132 11.59 2.70 -6.38
N ARG B 133 11.16 3.54 -5.43
CA ARG B 133 12.07 4.43 -4.73
C ARG B 133 13.17 3.63 -4.01
N ILE B 134 12.77 2.54 -3.37
CA ILE B 134 13.73 1.67 -2.70
C ILE B 134 14.71 1.05 -3.72
N ARG B 135 14.21 0.61 -4.87
CA ARG B 135 15.08 0.06 -5.90
C ARG B 135 16.11 1.11 -6.35
N GLN B 136 15.66 2.35 -6.48
CA GLN B 136 16.55 3.43 -6.87
C GLN B 136 17.58 3.74 -5.80
N LEU B 137 17.17 3.72 -4.53
CA LEU B 137 18.11 3.93 -3.45
C LEU B 137 19.21 2.86 -3.49
N LYS B 138 18.83 1.62 -3.79
CA LYS B 138 19.82 0.56 -3.92
CA LYS B 138 19.81 0.55 -3.93
C LYS B 138 20.77 0.84 -5.07
N THR B 139 20.27 1.40 -6.16
CA THR B 139 21.13 1.76 -7.28
C THR B 139 22.14 2.84 -6.85
N VAL B 140 21.64 3.84 -6.14
CA VAL B 140 22.51 4.91 -5.63
C VAL B 140 23.58 4.33 -4.72
N LEU B 141 23.18 3.53 -3.75
CA LEU B 141 24.15 2.98 -2.80
C LEU B 141 25.18 2.08 -3.48
N GLY B 142 24.74 1.30 -4.47
CA GLY B 142 25.66 0.47 -5.24
C GLY B 142 26.71 1.32 -5.93
N LYS B 143 26.26 2.41 -6.53
CA LYS B 143 27.16 3.29 -7.27
C LYS B 143 28.18 3.95 -6.34
N MET B 144 27.75 4.32 -5.12
CA MET B 144 28.64 4.94 -4.17
C MET B 144 29.82 4.02 -3.83
N GLN B 145 29.60 2.70 -3.91
CA GLN B 145 30.66 1.74 -3.59
C GLN B 145 31.70 1.56 -4.70
N GLU B 146 31.39 2.06 -5.89
CA GLU B 146 32.21 1.76 -7.07
C GLU B 146 33.47 2.58 -7.13
N ALA B 147 33.44 3.79 -6.58
CA ALA B 147 34.57 4.68 -6.68
C ALA B 147 35.80 4.10 -5.97
N PRO B 148 37.00 4.44 -6.45
CA PRO B 148 38.23 4.08 -5.75
C PRO B 148 38.22 4.56 -4.30
N ASP B 149 38.89 3.83 -3.43
CA ASP B 149 38.90 4.15 -2.01
C ASP B 149 39.42 5.56 -1.73
N SER B 150 40.38 6.03 -2.54
CA SER B 150 40.95 7.35 -2.33
C SER B 150 40.05 8.49 -2.82
N THR B 151 38.98 8.15 -3.53
CA THR B 151 38.00 9.15 -3.98
C THR B 151 36.93 9.32 -2.92
N THR B 152 36.55 10.57 -2.65
CA THR B 152 35.52 10.88 -1.69
C THR B 152 34.18 10.96 -2.43
N VAL B 153 33.18 10.23 -1.97
CA VAL B 153 31.90 10.16 -2.63
C VAL B 153 30.86 10.90 -1.81
N ILE B 154 30.15 11.83 -2.46
CA ILE B 154 29.04 12.54 -1.84
C ILE B 154 27.81 12.49 -2.72
N PHE B 155 26.72 11.98 -2.14
CA PHE B 155 25.40 12.05 -2.73
C PHE B 155 24.61 13.09 -1.98
N ALA B 156 23.98 14.01 -2.70
CA ALA B 156 23.05 14.94 -2.09
C ALA B 156 21.88 15.08 -3.04
N GLY B 157 20.67 14.88 -2.55
CA GLY B 157 19.51 15.06 -3.41
C GLY B 157 18.20 14.88 -2.72
N ASP B 158 17.14 14.88 -3.51
CA ASP B 158 15.79 14.70 -2.98
C ASP B 158 15.45 13.21 -3.07
N THR B 159 15.54 12.54 -1.93
CA THR B 159 15.35 11.09 -1.90
C THR B 159 13.89 10.66 -1.73
N ASN B 160 13.03 11.59 -1.31
CA ASN B 160 11.63 11.23 -0.99
C ASN B 160 11.51 10.12 0.03
N LEU B 161 12.57 9.87 0.79
CA LEU B 161 12.58 8.69 1.66
C LEU B 161 11.79 8.87 2.95
N ARG B 162 11.17 7.77 3.36
CA ARG B 162 10.70 7.58 4.73
C ARG B 162 11.76 6.72 5.43
N ASP B 163 11.95 6.93 6.73
CA ASP B 163 12.97 6.17 7.47
C ASP B 163 12.78 4.66 7.36
N GLN B 164 11.52 4.22 7.33
CA GLN B 164 11.25 2.79 7.29
CA GLN B 164 11.19 2.79 7.27
C GLN B 164 11.71 2.19 5.95
N GLU B 165 11.75 3.01 4.91
CA GLU B 165 12.20 2.56 3.60
C GLU B 165 13.71 2.26 3.61
N VAL B 166 14.45 3.07 4.35
CA VAL B 166 15.88 2.84 4.47
C VAL B 166 16.12 1.54 5.24
N ILE B 167 15.28 1.26 6.23
CA ILE B 167 15.39 0.00 6.97
C ILE B 167 15.10 -1.17 6.04
N LYS B 168 14.06 -1.03 5.23
CA LYS B 168 13.71 -2.07 4.27
C LYS B 168 14.86 -2.36 3.34
N CYS B 169 15.63 -1.31 3.06
CA CYS B 169 16.78 -1.42 2.20
C CYS B 169 17.91 -2.22 2.83
N GLY B 170 17.90 -2.28 4.17
CA GLY B 170 18.95 -2.96 4.92
C GLY B 170 19.74 -1.99 5.78
N GLY B 171 19.33 -0.73 5.77
CA GLY B 171 20.08 0.32 6.43
C GLY B 171 21.22 0.78 5.54
N LEU B 172 21.78 1.96 5.82
CA LEU B 172 22.98 2.38 5.10
C LEU B 172 24.10 1.40 5.41
N PRO B 173 24.95 1.09 4.43
CA PRO B 173 26.09 0.23 4.72
C PRO B 173 27.06 0.90 5.70
N ASP B 174 27.93 0.10 6.31
CA ASP B 174 28.80 0.57 7.38
C ASP B 174 29.74 1.69 6.97
N ASN B 175 30.03 1.78 5.67
CA ASN B 175 30.93 2.80 5.17
C ASN B 175 30.21 3.97 4.48
N VAL B 176 28.89 4.02 4.59
CA VAL B 176 28.14 5.15 4.06
C VAL B 176 27.38 5.82 5.19
N PHE B 177 27.54 7.14 5.29
CA PHE B 177 27.00 7.93 6.39
C PHE B 177 26.06 9.01 5.90
N ASP B 178 25.06 9.32 6.71
CA ASP B 178 24.12 10.41 6.45
C ASP B 178 24.64 11.62 7.20
N ALA B 179 24.82 12.75 6.50
CA ALA B 179 25.46 13.91 7.13
C ALA B 179 24.64 14.44 8.29
N TRP B 180 23.31 14.41 8.19
CA TRP B 180 22.47 14.87 9.28
C TRP B 180 22.61 13.97 10.51
N GLU B 181 22.67 12.67 10.28
CA GLU B 181 22.90 11.72 11.38
C GLU B 181 24.28 11.95 12.00
N PHE B 182 25.30 12.17 11.16
CA PHE B 182 26.67 12.36 11.62
C PHE B 182 26.77 13.54 12.56
N LEU B 183 26.01 14.58 12.27
CA LEU B 183 26.03 15.79 13.07
C LEU B 183 25.15 15.74 14.30
N GLY B 184 24.64 14.55 14.63
CA GLY B 184 23.88 14.36 15.85
C GLY B 184 22.38 14.59 15.70
N LYS B 185 21.86 14.49 14.49
CA LYS B 185 20.43 14.66 14.24
C LYS B 185 19.86 15.97 14.77
N PRO B 186 20.48 17.09 14.38
CA PRO B 186 20.03 18.41 14.85
C PRO B 186 18.60 18.72 14.43
N LYS B 187 17.78 19.17 15.39
CA LYS B 187 16.37 19.37 15.13
C LYS B 187 16.10 20.56 14.21
N HIS B 188 16.98 21.55 14.24
CA HIS B 188 16.70 22.79 13.50
C HIS B 188 16.79 22.62 12.00
N CYS B 189 17.48 21.59 11.51
CA CYS B 189 17.52 21.34 10.06
C CYS B 189 17.08 19.92 9.71
N GLN B 190 16.23 19.34 10.55
CA GLN B 190 15.75 18.00 10.29
C GLN B 190 14.81 17.91 9.07
N TYR B 191 13.74 18.69 9.10
CA TYR B 191 12.72 18.57 8.07
C TYR B 191 12.96 19.53 6.91
N THR B 192 12.99 18.99 5.69
CA THR B 192 13.27 19.79 4.50
C THR B 192 12.04 20.02 3.64
N TRP B 193 10.92 19.44 4.05
CA TRP B 193 9.63 19.63 3.40
C TRP B 193 8.59 19.66 4.49
N ASP B 194 7.96 20.81 4.69
CA ASP B 194 7.14 21.07 5.88
C ASP B 194 5.96 21.98 5.52
N THR B 195 4.76 21.42 5.44
CA THR B 195 3.60 22.17 4.98
C THR B 195 3.01 23.10 6.04
N LYS B 196 3.48 23.00 7.29
CA LYS B 196 3.09 23.98 8.29
C LYS B 196 3.85 25.30 8.06
N ALA B 197 5.13 25.17 7.73
CA ALA B 197 6.01 26.32 7.56
C ALA B 197 6.11 26.82 6.11
N ASN B 198 5.71 25.97 5.18
CA ASN B 198 5.80 26.27 3.76
C ASN B 198 4.42 26.15 3.13
N ASN B 199 3.93 27.24 2.53
CA ASN B 199 2.59 27.29 1.95
C ASN B 199 2.53 27.09 0.44
N ASN B 200 3.65 26.73 -0.19
CA ASN B 200 3.69 26.73 -1.65
C ASN B 200 2.68 25.79 -2.28
N LEU B 201 2.44 24.66 -1.64
CA LEU B 201 1.48 23.69 -2.17
C LEU B 201 0.05 23.91 -1.66
N ARG B 202 -0.12 24.89 -0.78
CA ARG B 202 -1.44 25.23 -0.23
CA ARG B 202 -1.42 25.22 -0.22
C ARG B 202 -2.08 24.02 0.45
N ILE B 203 -1.26 23.15 1.01
CA ILE B 203 -1.77 21.99 1.72
C ILE B 203 -2.27 22.44 3.09
N PRO B 204 -3.60 22.33 3.34
CA PRO B 204 -4.17 22.82 4.59
C PRO B 204 -4.12 21.73 5.65
N ALA B 205 -2.91 21.31 5.97
CA ALA B 205 -2.67 20.33 7.03
C ALA B 205 -1.17 20.35 7.26
N ALA B 206 -0.72 19.81 8.39
CA ALA B 206 0.68 19.91 8.79
C ALA B 206 1.38 18.57 8.65
N TYR B 207 2.25 18.48 7.64
CA TYR B 207 3.06 17.30 7.40
C TYR B 207 4.49 17.74 7.18
N LYS B 208 5.44 16.96 7.70
CA LYS B 208 6.85 17.28 7.52
C LYS B 208 7.72 16.04 7.36
N HIS B 209 8.66 16.13 6.44
CA HIS B 209 9.50 15.00 6.04
C HIS B 209 10.93 15.45 5.83
N ARG B 210 11.86 14.55 6.11
CA ARG B 210 13.24 14.74 5.76
C ARG B 210 13.50 14.04 4.41
N PHE B 211 13.03 14.67 3.35
CA PHE B 211 13.11 14.08 2.02
C PHE B 211 14.48 14.29 1.40
N ASP B 212 15.10 15.41 1.73
CA ASP B 212 16.36 15.81 1.14
C ASP B 212 17.48 15.35 2.06
N ARG B 213 18.38 14.52 1.53
CA ARG B 213 19.40 13.87 2.35
C ARG B 213 20.76 13.91 1.67
N ILE B 214 21.78 13.80 2.51
CA ILE B 214 23.16 13.79 2.11
C ILE B 214 23.82 12.53 2.61
N PHE B 215 24.37 11.73 1.69
CA PHE B 215 25.12 10.53 2.05
C PHE B 215 26.59 10.70 1.61
N PHE B 216 27.53 10.16 2.38
CA PHE B 216 28.92 10.20 1.96
C PHE B 216 29.70 8.95 2.32
N ARG B 217 30.74 8.71 1.51
CA ARG B 217 31.70 7.64 1.69
CA ARG B 217 31.70 7.65 1.71
C ARG B 217 33.09 8.26 1.57
N ALA B 218 33.86 8.20 2.65
CA ALA B 218 35.24 8.69 2.63
C ALA B 218 36.12 7.81 3.50
N GLU B 219 37.40 7.70 3.16
CA GLU B 219 38.35 7.03 4.04
C GLU B 219 38.23 7.65 5.42
N GLU B 220 38.43 6.84 6.44
CA GLU B 220 38.23 7.28 7.83
CA GLU B 220 38.23 7.28 7.83
C GLU B 220 38.83 8.66 8.08
N GLY B 221 37.96 9.60 8.47
CA GLY B 221 38.39 10.91 8.89
C GLY B 221 38.86 11.85 7.80
N HIS B 222 38.62 11.50 6.55
CA HIS B 222 39.04 12.34 5.44
C HIS B 222 37.92 13.25 4.95
N LEU B 223 36.71 13.01 5.43
CA LEU B 223 35.60 13.93 5.15
C LEU B 223 34.80 14.06 6.43
N ILE B 224 34.76 15.29 6.94
CA ILE B 224 34.18 15.55 8.24
C ILE B 224 33.17 16.68 8.12
N PRO B 225 31.87 16.33 8.16
CA PRO B 225 30.87 17.39 8.14
C PRO B 225 31.08 18.37 9.28
N GLN B 226 30.90 19.66 9.01
CA GLN B 226 31.08 20.70 10.02
C GLN B 226 29.76 21.40 10.32
N SER B 227 28.93 21.57 9.30
CA SER B 227 27.69 22.28 9.52
C SER B 227 26.62 21.86 8.55
N LEU B 228 25.37 22.08 8.95
CA LEU B 228 24.23 21.80 8.10
C LEU B 228 23.13 22.76 8.51
N ASP B 229 22.57 23.45 7.53
CA ASP B 229 21.56 24.47 7.77
C ASP B 229 20.54 24.45 6.67
N LEU B 230 19.30 24.79 7.00
CA LEU B 230 18.26 24.96 6.00
C LEU B 230 18.43 26.32 5.32
N VAL B 231 18.15 26.36 4.02
CA VAL B 231 18.15 27.63 3.30
C VAL B 231 16.86 27.76 2.51
N GLY B 232 16.55 28.98 2.13
CA GLY B 232 15.39 29.24 1.31
C GLY B 232 14.14 29.48 2.12
N LEU B 233 14.33 29.91 3.37
CA LEU B 233 13.21 30.06 4.28
C LEU B 233 12.58 31.45 4.27
N GLU B 234 13.09 32.34 3.42
CA GLU B 234 12.55 33.68 3.33
C GLU B 234 11.45 33.77 2.27
N LYS B 235 10.27 34.25 2.67
CA LYS B 235 9.19 34.50 1.72
C LYS B 235 9.59 35.58 0.74
N LEU B 236 9.21 35.40 -0.52
CA LEU B 236 9.53 36.36 -1.57
C LEU B 236 8.44 37.41 -1.68
N ASP B 237 8.64 38.36 -2.61
CA ASP B 237 7.71 39.46 -2.80
C ASP B 237 6.28 38.99 -3.05
N CYS B 238 6.16 37.85 -3.72
CA CYS B 238 4.85 37.32 -4.09
C CYS B 238 4.17 36.57 -2.96
N GLY B 239 4.82 36.50 -1.80
CA GLY B 239 4.22 35.87 -0.64
C GLY B 239 4.39 34.36 -0.58
N ARG B 240 5.21 33.82 -1.49
CA ARG B 240 5.53 32.39 -1.50
C ARG B 240 7.04 32.18 -1.37
N PHE B 241 7.46 30.94 -1.21
CA PHE B 241 8.88 30.61 -1.05
C PHE B 241 9.49 30.22 -2.39
N PRO B 242 10.83 30.20 -2.46
CA PRO B 242 11.47 29.77 -3.72
C PRO B 242 11.01 28.39 -4.15
N SER B 243 10.64 27.55 -3.20
CA SER B 243 10.24 26.18 -3.49
C SER B 243 9.40 25.60 -2.36
N ASP B 244 8.72 24.48 -2.61
CA ASP B 244 8.02 23.78 -1.55
C ASP B 244 9.01 23.08 -0.63
N HIS B 245 10.24 22.90 -1.09
CA HIS B 245 11.31 22.34 -0.25
C HIS B 245 12.18 23.45 0.29
N TRP B 246 12.76 23.22 1.46
CA TRP B 246 13.91 24.00 1.89
C TRP B 246 15.16 23.37 1.28
N GLY B 247 16.20 24.17 1.07
CA GLY B 247 17.50 23.65 0.68
C GLY B 247 18.34 23.29 1.89
N LEU B 248 19.36 22.46 1.67
CA LEU B 248 20.35 22.16 2.70
C LEU B 248 21.70 22.73 2.30
N LEU B 249 22.28 23.53 3.19
CA LEU B 249 23.64 24.04 3.06
C LEU B 249 24.52 23.24 3.99
N CYS B 250 25.55 22.62 3.43
CA CYS B 250 26.44 21.76 4.19
C CYS B 250 27.88 22.21 3.96
N THR B 251 28.64 22.34 5.05
CA THR B 251 30.07 22.57 4.94
C THR B 251 30.80 21.40 5.56
N LEU B 252 31.91 21.03 4.95
CA LEU B 252 32.70 19.88 5.38
C LEU B 252 34.17 20.21 5.28
N ASN B 253 34.97 19.55 6.10
CA ASN B 253 36.41 19.58 5.92
C ASN B 253 36.94 18.27 5.35
N VAL B 254 37.98 18.38 4.52
N VAL B 254 37.93 18.36 4.45
CA VAL B 254 38.71 17.23 4.00
CA VAL B 254 38.67 17.18 4.02
C VAL B 254 40.04 17.12 4.73
C VAL B 254 40.01 17.13 4.74
N VAL B 255 40.14 16.17 5.65
CA VAL B 255 41.26 16.11 6.59
C VAL B 255 42.14 14.88 6.39
N LEU B 256 43.39 15.13 6.03
CA LEU B 256 44.30 14.05 5.62
CA LEU B 256 44.32 14.08 5.61
C LEU B 256 45.14 13.54 6.78
#